data_5C6U
#
_entry.id   5C6U
#
_cell.length_a   143.341
_cell.length_b   64.788
_cell.length_c   51.175
_cell.angle_alpha   90.00
_cell.angle_beta   101.86
_cell.angle_gamma   90.00
#
_symmetry.space_group_name_H-M   'C 1 2 1'
#
loop_
_entity.id
_entity.type
_entity.pdbx_description
1 polymer Aminotransferase
2 non-polymer "PYRIDOXAL-5'-PHOSPHATE"
3 non-polymer 'PHOSPHATE ION'
4 non-polymer 'CHLORIDE ION'
5 water water
#
_entity_poly.entity_id   1
_entity_poly.type   'polypeptide(L)'
_entity_poly.pdbx_seq_one_letter_code
;(MSE)FDSLSPQELAALHARHQQDYAALQG(MSE)KLALDLTRGKPSAEQLDLSNQLLSLPGDDYRDPEGTDTRNYGGQH
GLPGLRAIFAELLGIAVPNLIAGNNSSLEL(MSE)HDIVAFS(MSE)LYGGVDSPRPWIQEQDGIKFLCPVPGYDRHFAI
TET(MSE)GIE(MSE)IPIP(MSE)LQDGPDVDLIEELVAVDPAIKG(MSE)WTVPVFGNPSGVTYSWETVRRLVQ
(MSE)RTAAPDFRLFWDNAYAVHTLTLDFPRQVDVLGLAAKAGNPNRPYVFASTSKITFAGGGVSFFGGSLGNIAWYLQY
AGKKSIGPDKVNQLRHLRFFGDADGVRLH(MSE)LRHQQILAPKFALVAEVLDQRLSESKIASWTEPKGGYFISLDVLPG
TARRTVALAKDVGIAVTEAGASFPYRKDPDDKNIRIAPSFPSVPDLRNAVDGLATCALLAATETLLNQGLASSHHHHHH
;
_entity_poly.pdbx_strand_id   A
#
# COMPACT_ATOMS: atom_id res chain seq x y z
N PHE A 2 -17.60 0.96 26.86
CA PHE A 2 -18.28 0.07 27.81
C PHE A 2 -19.54 0.75 28.38
N ASP A 3 -20.35 1.31 27.49
N ASP A 3 -20.42 1.15 27.45
CA ASP A 3 -21.46 2.24 27.85
CA ASP A 3 -21.81 1.52 27.73
C ASP A 3 -22.30 1.84 29.09
C ASP A 3 -21.89 2.44 28.92
N SER A 4 -22.26 2.69 30.10
N SER A 4 -22.75 2.06 29.86
CA SER A 4 -23.07 2.56 31.31
CA SER A 4 -22.76 2.67 31.18
C SER A 4 -22.66 1.44 32.26
C SER A 4 -22.51 1.61 32.25
N LEU A 5 -21.59 0.67 31.96
CA LEU A 5 -21.09 -0.27 32.96
CA LEU A 5 -21.11 -0.28 32.97
C LEU A 5 -20.48 0.48 34.15
N SER A 6 -20.83 0.08 35.36
CA SER A 6 -20.23 0.58 36.58
C SER A 6 -18.82 0.01 36.75
N PRO A 7 -18.05 0.55 37.69
CA PRO A 7 -16.73 -0.01 37.98
C PRO A 7 -16.78 -1.47 38.41
N GLN A 8 -17.76 -1.84 39.22
CA GLN A 8 -17.91 -3.25 39.60
C GLN A 8 -18.20 -4.11 38.37
N GLU A 9 -19.09 -3.65 37.48
CA GLU A 9 -19.43 -4.41 36.27
C GLU A 9 -18.23 -4.54 35.32
N LEU A 10 -17.44 -3.46 35.22
CA LEU A 10 -16.21 -3.49 34.42
C LEU A 10 -15.20 -4.47 35.00
N ALA A 11 -15.11 -4.55 36.32
CA ALA A 11 -14.18 -5.52 36.91
C ALA A 11 -14.62 -6.97 36.62
N ALA A 12 -15.92 -7.22 36.67
CA ALA A 12 -16.46 -8.54 36.31
C ALA A 12 -16.23 -8.84 34.82
N LEU A 13 -16.41 -7.85 33.97
CA LEU A 13 -16.13 -8.02 32.55
C LEU A 13 -14.66 -8.34 32.33
N HIS A 14 -13.78 -7.62 33.02
CA HIS A 14 -12.34 -7.84 32.93
C HIS A 14 -11.98 -9.28 33.29
N ALA A 15 -12.64 -9.83 34.30
CA ALA A 15 -12.42 -11.23 34.71
C ALA A 15 -12.81 -12.16 33.60
N ARG A 16 -13.92 -11.89 32.91
CA ARG A 16 -14.35 -12.70 31.76
CA ARG A 16 -14.34 -12.70 31.78
C ARG A 16 -13.29 -12.60 30.66
N HIS A 17 -12.79 -11.39 30.40
CA HIS A 17 -11.71 -11.21 29.39
C HIS A 17 -10.46 -12.05 29.74
N GLN A 18 -10.06 -12.04 31.01
CA GLN A 18 -8.92 -12.83 31.47
C GLN A 18 -9.15 -14.33 31.22
N GLN A 19 -10.38 -14.79 31.42
CA GLN A 19 -10.71 -16.19 31.20
C GLN A 19 -10.72 -16.53 29.73
N ASP A 20 -11.28 -15.65 28.90
CA ASP A 20 -11.18 -15.84 27.46
C ASP A 20 -9.72 -15.93 27.05
N TYR A 21 -8.88 -15.10 27.64
CA TYR A 21 -7.48 -15.04 27.25
C TYR A 21 -6.73 -16.30 27.72
N ALA A 22 -7.08 -16.78 28.91
CA ALA A 22 -6.50 -18.03 29.44
C ALA A 22 -6.80 -19.20 28.52
N ALA A 23 -8.04 -19.27 28.07
CA ALA A 23 -8.49 -20.28 27.15
C ALA A 23 -7.73 -20.19 25.83
N LEU A 24 -7.64 -18.99 25.29
CA LEU A 24 -6.88 -18.73 24.08
C LEU A 24 -5.44 -19.24 24.21
N GLN A 25 -4.81 -18.93 25.34
CA GLN A 25 -3.43 -19.35 25.60
C GLN A 25 -3.31 -20.90 25.62
N GLY A 26 -4.33 -21.57 26.17
CA GLY A 26 -4.36 -23.03 26.20
C GLY A 26 -4.41 -23.71 24.84
N LYS A 28 -2.60 -23.15 22.36
CA LYS A 28 -1.26 -23.23 21.76
C LYS A 28 -1.25 -22.90 20.25
N LEU A 29 -1.68 -21.69 19.91
CA LEU A 29 -1.84 -21.30 18.52
C LEU A 29 -0.51 -20.90 17.89
N ALA A 30 -0.47 -20.94 16.57
CA ALA A 30 0.67 -20.43 15.82
C ALA A 30 0.11 -19.76 14.58
N LEU A 31 -0.42 -18.55 14.75
CA LEU A 31 -1.11 -17.86 13.67
C LEU A 31 -0.47 -16.52 13.40
N ASP A 32 -0.77 -15.96 12.23
CA ASP A 32 -0.09 -14.76 11.80
C ASP A 32 -1.03 -13.93 10.91
N LEU A 33 -1.18 -12.65 11.24
CA LEU A 33 -2.02 -11.69 10.51
C LEU A 33 -1.19 -10.52 9.96
N THR A 34 0.11 -10.74 9.75
CA THR A 34 1.02 -9.67 9.38
C THR A 34 1.40 -9.69 7.90
N ARG A 35 1.15 -10.78 7.19
CA ARG A 35 1.78 -10.97 5.86
C ARG A 35 0.89 -10.46 4.75
N GLY A 36 1.25 -9.33 4.15
CA GLY A 36 0.48 -8.76 3.05
C GLY A 36 0.79 -9.44 1.71
N LYS A 37 0.71 -10.76 1.65
CA LYS A 37 1.05 -11.46 0.44
C LYS A 37 -0.09 -12.38 0.00
N PRO A 38 -0.18 -12.72 -1.29
CA PRO A 38 -1.24 -13.57 -1.80
C PRO A 38 -1.18 -14.96 -1.19
N SER A 39 -2.33 -15.62 -1.03
CA SER A 39 -2.36 -16.98 -0.53
C SER A 39 -1.87 -17.91 -1.65
N ALA A 40 -1.52 -19.14 -1.30
CA ALA A 40 -1.20 -20.15 -2.27
C ALA A 40 -2.30 -20.35 -3.30
N GLU A 41 -3.56 -20.34 -2.86
CA GLU A 41 -4.69 -20.47 -3.75
C GLU A 41 -4.74 -19.34 -4.80
N GLN A 42 -4.44 -18.13 -4.40
CA GLN A 42 -4.34 -17.02 -5.39
C GLN A 42 -3.17 -17.23 -6.38
N LEU A 43 -2.03 -17.67 -5.87
CA LEU A 43 -0.87 -17.85 -6.72
C LEU A 43 -1.17 -18.95 -7.75
N ASP A 44 -1.91 -19.98 -7.32
CA ASP A 44 -2.31 -21.06 -8.22
C ASP A 44 -3.05 -20.53 -9.46
N LEU A 45 -3.76 -19.42 -9.34
CA LEU A 45 -4.42 -18.81 -10.49
C LEU A 45 -3.45 -18.51 -11.63
N SER A 46 -2.17 -18.31 -11.33
CA SER A 46 -1.18 -17.95 -12.32
C SER A 46 -0.18 -19.05 -12.66
N ASN A 47 -0.52 -20.29 -12.30
CA ASN A 47 0.42 -21.40 -12.59
C ASN A 47 0.73 -21.65 -14.07
N GLN A 48 -0.10 -21.20 -14.99
CA GLN A 48 0.23 -21.32 -16.40
CA GLN A 48 0.22 -21.30 -16.42
C GLN A 48 1.58 -20.64 -16.70
N LEU A 49 1.92 -19.61 -15.92
CA LEU A 49 3.20 -18.92 -16.11
C LEU A 49 4.41 -19.82 -16.01
N LEU A 50 4.29 -20.90 -15.24
CA LEU A 50 5.40 -21.80 -14.97
C LEU A 50 5.88 -22.63 -16.17
N SER A 51 5.10 -22.66 -17.24
CA SER A 51 5.45 -23.34 -18.47
CA SER A 51 5.48 -23.33 -18.48
C SER A 51 5.50 -22.38 -19.68
N LEU A 52 5.34 -21.08 -19.44
CA LEU A 52 5.42 -20.06 -20.47
C LEU A 52 6.83 -19.46 -20.51
N PRO A 53 7.25 -18.92 -21.67
CA PRO A 53 6.47 -18.71 -22.90
C PRO A 53 6.45 -19.92 -23.86
N GLY A 54 7.16 -20.99 -23.53
CA GLY A 54 7.29 -22.14 -24.44
C GLY A 54 8.21 -21.84 -25.59
N ASP A 55 8.08 -22.58 -26.70
CA ASP A 55 9.03 -22.50 -27.81
C ASP A 55 9.11 -21.13 -28.46
N ASP A 56 8.01 -20.40 -28.52
CA ASP A 56 8.07 -19.13 -29.22
C ASP A 56 8.54 -18.00 -28.30
N TYR A 57 9.83 -17.67 -28.42
CA TYR A 57 10.49 -16.71 -27.54
C TYR A 57 10.42 -15.29 -28.11
N ARG A 58 9.71 -15.11 -29.22
CA ARG A 58 9.59 -13.81 -29.85
C ARG A 58 8.32 -13.10 -29.47
N ASP A 59 8.40 -11.79 -29.24
CA ASP A 59 7.19 -11.00 -29.00
C ASP A 59 6.50 -10.66 -30.34
N PRO A 60 5.35 -9.97 -30.30
CA PRO A 60 4.67 -9.66 -31.56
C PRO A 60 5.44 -8.82 -32.57
N GLU A 61 6.45 -8.07 -32.11
CA GLU A 61 7.29 -7.25 -32.96
CA GLU A 61 7.27 -7.25 -32.99
C GLU A 61 8.41 -8.06 -33.59
N GLY A 62 8.55 -9.31 -33.18
CA GLY A 62 9.62 -10.17 -33.67
C GLY A 62 10.90 -10.14 -32.82
N THR A 63 10.90 -9.41 -31.72
CA THR A 63 12.07 -9.31 -30.88
C THR A 63 12.38 -10.65 -30.20
N ASP A 64 13.63 -11.09 -30.35
CA ASP A 64 14.14 -12.23 -29.59
C ASP A 64 14.33 -11.82 -28.14
N THR A 65 13.42 -12.27 -27.29
CA THR A 65 13.43 -11.83 -25.89
C THR A 65 14.57 -12.39 -25.06
N ARG A 66 15.26 -13.39 -25.60
CA ARG A 66 16.36 -14.07 -24.91
C ARG A 66 17.67 -13.29 -24.96
N ASN A 67 17.74 -12.22 -25.75
CA ASN A 67 18.99 -11.50 -26.00
C ASN A 67 18.91 -10.07 -25.50
N TYR A 68 20.06 -9.44 -25.36
CA TYR A 68 20.16 -8.07 -24.85
C TYR A 68 19.40 -7.04 -25.66
N GLY A 69 18.97 -5.98 -24.98
CA GLY A 69 18.50 -4.78 -25.68
C GLY A 69 17.11 -4.34 -25.31
N GLY A 70 16.88 -3.04 -25.28
CA GLY A 70 15.55 -2.51 -25.12
C GLY A 70 15.32 -2.12 -23.68
N GLN A 71 15.38 -0.83 -23.40
CA GLN A 71 15.22 -0.39 -22.05
C GLN A 71 13.80 -0.18 -21.63
N HIS A 72 12.90 0.01 -22.59
CA HIS A 72 11.53 0.41 -22.23
C HIS A 72 10.65 -0.75 -21.78
N GLY A 73 11.01 -1.98 -22.14
CA GLY A 73 10.14 -3.15 -21.93
C GLY A 73 9.28 -3.43 -23.15
N LEU A 74 8.63 -4.58 -23.18
CA LEU A 74 7.90 -5.01 -24.39
C LEU A 74 6.65 -4.15 -24.61
N PRO A 75 6.52 -3.56 -25.83
CA PRO A 75 5.37 -2.68 -26.08
C PRO A 75 4.02 -3.37 -25.89
N GLY A 76 3.97 -4.67 -26.15
CA GLY A 76 2.68 -5.40 -26.07
C GLY A 76 2.20 -5.53 -24.65
N LEU A 77 3.13 -5.71 -23.73
CA LEU A 77 2.77 -5.77 -22.32
C LEU A 77 2.46 -4.38 -21.79
N ARG A 78 3.28 -3.40 -22.17
CA ARG A 78 2.96 -2.02 -21.85
C ARG A 78 1.56 -1.56 -22.35
N ALA A 79 1.13 -2.02 -23.53
CA ALA A 79 -0.18 -1.65 -24.07
C ALA A 79 -1.33 -2.13 -23.16
N ILE A 80 -1.14 -3.27 -22.51
CA ILE A 80 -2.16 -3.81 -21.61
C ILE A 80 -2.29 -2.90 -20.39
N PHE A 81 -1.16 -2.57 -19.78
CA PHE A 81 -1.19 -1.72 -18.61
C PHE A 81 -1.46 -0.24 -18.93
N ALA A 82 -1.13 0.19 -20.15
CA ALA A 82 -1.54 1.51 -20.63
C ALA A 82 -3.07 1.68 -20.60
N GLU A 83 -3.78 0.66 -21.05
CA GLU A 83 -5.23 0.65 -20.97
C GLU A 83 -5.72 0.63 -19.52
N LEU A 84 -5.15 -0.24 -18.69
CA LEU A 84 -5.59 -0.32 -17.31
C LEU A 84 -5.34 0.97 -16.50
N LEU A 85 -4.20 1.62 -16.75
CA LEU A 85 -3.81 2.79 -15.97
C LEU A 85 -4.26 4.08 -16.62
N GLY A 86 -4.60 4.02 -17.90
CA GLY A 86 -4.91 5.24 -18.69
C GLY A 86 -3.70 6.11 -18.96
N ILE A 87 -2.58 5.48 -19.32
CA ILE A 87 -1.32 6.14 -19.63
C ILE A 87 -0.83 5.58 -20.97
N ALA A 88 -0.45 6.44 -21.90
CA ALA A 88 -0.03 5.97 -23.23
C ALA A 88 1.25 5.15 -23.17
N VAL A 89 1.39 4.21 -24.10
CA VAL A 89 2.56 3.31 -24.15
C VAL A 89 3.91 4.05 -24.08
N PRO A 90 4.09 5.14 -24.85
CA PRO A 90 5.37 5.86 -24.73
C PRO A 90 5.66 6.49 -23.36
N ASN A 91 4.63 6.66 -22.54
CA ASN A 91 4.71 7.21 -21.21
C ASN A 91 4.84 6.17 -20.10
N LEU A 92 4.99 4.93 -20.49
CA LEU A 92 5.01 3.79 -19.58
C LEU A 92 6.15 2.86 -19.92
N ILE A 93 6.93 2.47 -18.93
CA ILE A 93 7.94 1.45 -19.15
C ILE A 93 7.65 0.27 -18.22
N ALA A 94 8.15 -0.90 -18.60
CA ALA A 94 8.05 -2.13 -17.81
C ALA A 94 9.45 -2.52 -17.39
N GLY A 95 9.60 -2.83 -16.09
CA GLY A 95 10.84 -3.15 -15.46
C GLY A 95 10.96 -4.64 -15.07
N ASN A 96 11.66 -4.88 -13.98
CA ASN A 96 11.84 -6.23 -13.43
C ASN A 96 10.80 -6.52 -12.38
N ASN A 97 11.16 -7.23 -11.29
CA ASN A 97 10.17 -7.84 -10.42
C ASN A 97 9.68 -6.92 -9.26
N SER A 98 10.06 -5.66 -9.25
CA SER A 98 9.81 -4.80 -8.08
C SER A 98 9.48 -3.38 -8.48
N SER A 99 8.27 -2.95 -8.15
CA SER A 99 7.94 -1.52 -8.26
C SER A 99 8.66 -0.68 -7.19
N LEU A 100 8.88 -1.26 -6.02
CA LEU A 100 9.62 -0.56 -4.98
C LEU A 100 11.01 -0.11 -5.48
N GLU A 101 11.65 -0.97 -6.25
CA GLU A 101 12.97 -0.70 -6.76
C GLU A 101 12.98 0.50 -7.73
N LEU A 102 11.91 0.66 -8.51
CA LEU A 102 11.71 1.84 -9.37
C LEU A 102 11.59 3.10 -8.53
N HIS A 104 12.49 3.55 -5.36
CA HIS A 104 13.79 3.74 -4.67
C HIS A 104 14.83 4.39 -5.60
N ASP A 105 14.98 3.87 -6.81
CA ASP A 105 15.97 4.38 -7.71
C ASP A 105 15.66 5.80 -8.12
N ILE A 106 14.39 6.12 -8.27
CA ILE A 106 14.01 7.47 -8.59
C ILE A 106 14.40 8.45 -7.46
N VAL A 107 14.16 8.05 -6.23
CA VAL A 107 14.59 8.87 -5.09
C VAL A 107 16.12 9.00 -5.08
N ALA A 108 16.83 7.89 -5.25
CA ALA A 108 18.33 7.92 -5.32
C ALA A 108 18.87 8.81 -6.46
N PHE A 109 18.24 8.72 -7.64
CA PHE A 109 18.63 9.56 -8.76
C PHE A 109 18.36 11.04 -8.41
N SER A 110 17.23 11.30 -7.74
CA SER A 110 16.89 12.65 -7.37
C SER A 110 17.93 13.25 -6.41
N LEU A 112 21.19 12.12 -6.12
CA LEU A 112 22.53 12.19 -6.71
C LEU A 112 22.62 13.17 -7.86
N TYR A 113 21.58 13.19 -8.67
CA TYR A 113 21.54 13.93 -9.92
C TYR A 113 20.56 15.05 -10.01
N GLY A 114 19.53 15.04 -9.17
CA GLY A 114 18.38 15.90 -9.36
C GLY A 114 17.43 15.29 -10.36
N GLY A 115 16.19 15.73 -10.28
CA GLY A 115 15.17 15.35 -11.24
C GLY A 115 15.41 16.10 -12.52
N VAL A 116 14.52 15.90 -13.49
CA VAL A 116 14.73 16.41 -14.82
C VAL A 116 14.83 17.95 -14.90
N ASP A 117 14.20 18.62 -13.95
CA ASP A 117 14.13 20.09 -13.92
C ASP A 117 14.50 20.65 -12.54
N SER A 118 15.33 19.92 -11.78
CA SER A 118 15.76 20.37 -10.46
C SER A 118 16.82 21.47 -10.61
N PRO A 119 16.83 22.44 -9.71
CA PRO A 119 17.89 23.44 -9.66
C PRO A 119 19.27 22.84 -9.29
N ARG A 120 19.27 21.73 -8.56
CA ARG A 120 20.52 21.04 -8.16
C ARG A 120 20.16 19.64 -7.64
N PRO A 121 21.11 18.72 -7.57
CA PRO A 121 20.82 17.43 -6.92
C PRO A 121 20.32 17.64 -5.50
N TRP A 122 19.36 16.82 -5.05
CA TRP A 122 18.78 17.04 -3.70
C TRP A 122 19.82 16.89 -2.58
N ILE A 123 20.86 16.07 -2.80
CA ILE A 123 21.92 15.91 -1.81
CA ILE A 123 21.91 15.90 -1.81
C ILE A 123 22.69 17.22 -1.56
N GLN A 124 22.65 18.14 -2.51
CA GLN A 124 23.33 19.44 -2.35
C GLN A 124 22.49 20.49 -1.61
N GLU A 125 21.29 20.15 -1.21
CA GLU A 125 20.44 21.08 -0.46
C GLU A 125 20.90 21.07 1.00
N GLN A 126 21.57 22.16 1.40
CA GLN A 126 22.16 22.25 2.72
C GLN A 126 21.15 22.27 3.87
N ASP A 127 19.93 22.72 3.60
CA ASP A 127 18.89 22.69 4.61
C ASP A 127 18.01 21.44 4.55
N GLY A 128 18.39 20.44 3.77
CA GLY A 128 17.71 19.13 3.84
C GLY A 128 16.45 19.12 2.99
N ILE A 129 15.82 17.95 2.95
CA ILE A 129 14.72 17.63 2.07
C ILE A 129 13.63 17.03 2.97
N LYS A 130 12.38 17.24 2.60
CA LYS A 130 11.24 16.69 3.29
CA LYS A 130 11.24 16.70 3.31
C LYS A 130 10.27 16.06 2.32
N PHE A 131 9.56 15.02 2.76
CA PHE A 131 8.44 14.45 2.03
C PHE A 131 7.23 14.48 2.93
N LEU A 132 6.07 14.76 2.32
CA LEU A 132 4.80 14.65 2.98
C LEU A 132 4.32 13.19 2.97
N CYS A 133 3.84 12.72 4.10
CA CYS A 133 3.46 11.34 4.23
C CYS A 133 2.05 11.21 4.79
N PRO A 134 1.03 11.02 3.92
CA PRO A 134 -0.29 10.69 4.45
C PRO A 134 -0.27 9.44 5.32
N VAL A 135 -0.91 9.52 6.50
CA VAL A 135 -0.93 8.40 7.42
C VAL A 135 -2.37 8.00 7.82
N PRO A 136 -2.58 6.74 8.19
CA PRO A 136 -1.58 5.65 8.11
C PRO A 136 -1.19 5.35 6.67
N GLY A 137 0.07 4.97 6.46
CA GLY A 137 0.61 4.75 5.14
C GLY A 137 1.50 3.53 5.06
N TYR A 138 2.26 3.47 3.97
CA TYR A 138 2.99 2.24 3.61
C TYR A 138 4.41 2.30 4.17
N ASP A 139 4.71 1.37 5.06
CA ASP A 139 6.01 1.41 5.74
C ASP A 139 7.22 1.31 4.82
N ARG A 140 7.10 0.60 3.69
CA ARG A 140 8.23 0.51 2.78
C ARG A 140 8.45 1.81 2.01
N HIS A 141 7.42 2.65 1.82
CA HIS A 141 7.69 4.00 1.36
C HIS A 141 8.56 4.76 2.34
N PHE A 142 8.14 4.71 3.58
CA PHE A 142 8.81 5.45 4.64
C PHE A 142 10.25 4.98 4.83
N ALA A 143 10.51 3.70 4.60
CA ALA A 143 11.86 3.15 4.72
C ALA A 143 12.83 3.76 3.71
N ILE A 144 12.33 4.10 2.52
CA ILE A 144 13.16 4.69 1.48
C ILE A 144 13.56 6.10 1.92
N THR A 145 12.59 6.91 2.32
CA THR A 145 12.93 8.27 2.70
C THR A 145 13.78 8.31 3.98
N GLU A 146 13.49 7.43 4.92
CA GLU A 146 14.22 7.40 6.18
C GLU A 146 15.68 7.09 5.89
N THR A 147 15.93 6.11 5.02
CA THR A 147 17.30 5.66 4.81
C THR A 147 18.10 6.74 4.08
N GLY A 149 17.76 9.89 4.56
CA GLY A 149 17.85 11.08 5.43
C GLY A 149 16.87 12.18 5.06
N ILE A 150 15.74 11.80 4.44
CA ILE A 150 14.70 12.76 4.03
C ILE A 150 13.70 12.87 5.16
N GLU A 151 13.49 14.05 5.68
CA GLU A 151 12.55 14.20 6.84
C GLU A 151 11.12 13.92 6.38
N ILE A 153 6.99 14.28 7.01
CA ILE A 153 5.93 15.02 7.68
CA ILE A 153 5.92 15.05 7.64
C ILE A 153 4.61 14.26 7.57
N PRO A 154 4.12 13.74 8.68
CA PRO A 154 2.85 13.00 8.58
C PRO A 154 1.66 13.90 8.35
N ILE A 155 0.73 13.44 7.51
CA ILE A 155 -0.46 14.19 7.17
C ILE A 155 -1.72 13.32 7.41
N PRO A 156 -2.73 13.83 8.14
CA PRO A 156 -3.98 13.08 8.35
C PRO A 156 -4.68 12.64 7.09
N LEU A 158 -8.20 11.82 5.27
CA LEU A 158 -9.64 12.09 5.37
C LEU A 158 -10.42 11.07 4.50
N GLN A 159 -11.68 11.37 4.21
CA GLN A 159 -12.59 10.38 3.62
CA GLN A 159 -12.56 10.34 3.65
C GLN A 159 -12.26 10.05 2.18
N ASP A 160 -11.92 11.07 1.39
CA ASP A 160 -11.66 10.93 -0.07
C ASP A 160 -10.24 11.35 -0.47
N GLY A 161 -9.33 11.27 0.49
CA GLY A 161 -7.94 11.62 0.26
C GLY A 161 -7.34 12.14 1.53
N PRO A 162 -6.08 12.55 1.45
CA PRO A 162 -5.46 13.15 2.58
C PRO A 162 -6.03 14.54 2.82
N ASP A 163 -5.50 15.19 3.85
CA ASP A 163 -5.91 16.54 4.20
C ASP A 163 -5.24 17.50 3.21
N VAL A 164 -5.90 17.72 2.08
CA VAL A 164 -5.36 18.54 1.00
C VAL A 164 -5.24 20.02 1.38
N ASP A 165 -6.15 20.56 2.18
CA ASP A 165 -6.00 21.93 2.66
C ASP A 165 -4.66 22.14 3.34
N LEU A 166 -4.27 21.21 4.21
CA LEU A 166 -3.02 21.30 4.94
C LEU A 166 -1.83 21.11 3.98
N ILE A 167 -1.91 20.12 3.09
CA ILE A 167 -0.84 19.89 2.15
C ILE A 167 -0.55 21.14 1.36
N GLU A 168 -1.60 21.74 0.81
CA GLU A 168 -1.45 22.98 0.00
C GLU A 168 -0.77 24.08 0.78
N GLU A 169 -1.15 24.22 2.06
CA GLU A 169 -0.61 25.27 2.93
CA GLU A 169 -0.58 25.30 2.87
C GLU A 169 0.89 25.06 3.18
N LEU A 170 1.28 23.83 3.42
CA LEU A 170 2.69 23.53 3.69
C LEU A 170 3.61 23.62 2.47
N VAL A 171 3.18 23.03 1.35
CA VAL A 171 4.05 22.94 0.16
CA VAL A 171 4.03 22.92 0.18
C VAL A 171 4.25 24.31 -0.45
N ALA A 172 3.29 25.21 -0.25
CA ALA A 172 3.38 26.56 -0.78
C ALA A 172 4.49 27.39 -0.17
N VAL A 173 4.86 27.10 1.08
CA VAL A 173 5.81 27.92 1.77
C VAL A 173 7.14 27.25 2.13
N ASP A 174 7.33 25.97 1.82
CA ASP A 174 8.56 25.29 2.26
C ASP A 174 9.27 24.64 1.08
N PRO A 175 10.34 25.29 0.59
CA PRO A 175 10.99 24.77 -0.59
C PRO A 175 11.75 23.46 -0.32
N ALA A 176 11.88 23.06 0.93
CA ALA A 176 12.50 21.78 1.26
C ALA A 176 11.56 20.60 0.98
N ILE A 177 10.26 20.87 0.82
CA ILE A 177 9.33 19.80 0.56
C ILE A 177 9.40 19.43 -0.92
N LYS A 178 10.00 18.28 -1.20
CA LYS A 178 10.27 17.87 -2.56
C LYS A 178 9.31 16.80 -3.09
N GLY A 179 8.63 16.08 -2.18
CA GLY A 179 7.83 14.92 -2.57
C GLY A 179 6.70 14.61 -1.61
N TRP A 181 4.53 10.89 -0.67
CA TRP A 181 4.16 9.48 -0.89
C TRP A 181 2.64 9.36 -0.93
N THR A 182 2.14 8.60 -1.90
CA THR A 182 0.71 8.25 -1.97
C THR A 182 0.51 6.79 -2.42
N VAL A 183 -0.61 6.21 -2.01
CA VAL A 183 -1.17 5.04 -2.65
C VAL A 183 -2.60 5.44 -2.97
N PRO A 184 -2.84 5.85 -4.21
CA PRO A 184 -4.02 6.66 -4.48
C PRO A 184 -5.31 5.87 -4.71
N VAL A 185 -5.21 4.54 -4.79
CA VAL A 185 -6.38 3.66 -4.92
C VAL A 185 -6.23 2.58 -3.87
N PHE A 186 -7.26 2.41 -3.05
CA PHE A 186 -7.22 1.39 -1.97
C PHE A 186 -5.89 1.43 -1.15
N GLY A 187 -5.60 2.58 -0.55
CA GLY A 187 -4.35 2.77 0.18
C GLY A 187 -3.99 1.73 1.21
N ASN A 188 -2.70 1.44 1.29
CA ASN A 188 -2.16 0.59 2.31
C ASN A 188 -1.79 1.44 3.53
N PRO A 189 -2.55 1.33 4.64
CA PRO A 189 -3.63 0.41 4.93
C PRO A 189 -4.99 1.07 5.11
N SER A 190 -5.09 2.37 4.81
CA SER A 190 -6.34 3.11 5.05
C SER A 190 -7.50 2.62 4.20
N GLY A 191 -7.19 2.00 3.07
CA GLY A 191 -8.20 1.59 2.08
C GLY A 191 -8.78 2.77 1.31
N VAL A 192 -8.28 3.98 1.55
CA VAL A 192 -8.81 5.18 0.93
C VAL A 192 -8.37 5.31 -0.55
N THR A 193 -9.34 5.67 -1.38
CA THR A 193 -9.11 5.97 -2.80
C THR A 193 -9.28 7.48 -3.02
N TYR A 194 -8.29 8.12 -3.63
CA TYR A 194 -8.34 9.56 -3.81
C TYR A 194 -9.41 9.95 -4.83
N SER A 195 -10.26 10.91 -4.47
CA SER A 195 -11.27 11.40 -5.39
C SER A 195 -10.63 12.21 -6.53
N TRP A 196 -11.36 12.37 -7.63
CA TRP A 196 -10.94 13.22 -8.73
C TRP A 196 -10.58 14.62 -8.25
N GLU A 197 -11.44 15.17 -7.41
CA GLU A 197 -11.21 16.51 -6.91
C GLU A 197 -9.91 16.60 -6.10
N THR A 198 -9.63 15.59 -5.29
CA THR A 198 -8.38 15.52 -4.57
C THR A 198 -7.19 15.51 -5.51
N VAL A 199 -7.26 14.68 -6.57
CA VAL A 199 -6.14 14.56 -7.50
C VAL A 199 -5.95 15.88 -8.21
N ARG A 200 -7.02 16.48 -8.71
CA ARG A 200 -6.93 17.77 -9.37
C ARG A 200 -6.24 18.81 -8.47
N ARG A 201 -6.61 18.87 -7.21
CA ARG A 201 -5.96 19.85 -6.34
C ARG A 201 -4.47 19.59 -6.17
N LEU A 202 -4.09 18.31 -6.04
CA LEU A 202 -2.69 17.97 -5.83
C LEU A 202 -1.79 18.29 -7.03
N VAL A 203 -2.32 18.19 -8.25
CA VAL A 203 -1.53 18.51 -9.44
C VAL A 203 -1.56 19.98 -9.82
N GLN A 204 -2.51 20.76 -9.28
CA GLN A 204 -2.60 22.20 -9.53
C GLN A 204 -1.94 23.06 -8.45
N ARG A 206 0.27 25.22 -6.01
CA ARG A 206 1.56 25.88 -6.08
CA ARG A 206 1.58 25.83 -6.12
C ARG A 206 2.51 25.26 -5.07
N THR A 207 3.75 25.01 -5.46
CA THR A 207 4.74 24.44 -4.56
C THR A 207 5.96 25.36 -4.55
N ALA A 208 6.52 25.61 -3.37
CA ALA A 208 7.75 26.38 -3.26
C ALA A 208 8.92 25.71 -4.00
N ALA A 209 8.97 24.37 -4.03
CA ALA A 209 9.99 23.66 -4.80
C ALA A 209 9.52 23.50 -6.22
N PRO A 210 10.30 24.01 -7.20
CA PRO A 210 9.89 23.93 -8.60
C PRO A 210 9.90 22.48 -9.14
N ASP A 211 10.48 21.56 -8.37
CA ASP A 211 10.65 20.18 -8.79
C ASP A 211 9.95 19.18 -7.88
N PHE A 212 8.88 19.64 -7.24
CA PHE A 212 8.07 18.82 -6.38
C PHE A 212 7.48 17.67 -7.15
N ARG A 213 7.42 16.52 -6.49
CA ARG A 213 6.92 15.29 -7.12
C ARG A 213 5.89 14.55 -6.26
N LEU A 214 4.86 14.06 -6.91
CA LEU A 214 3.89 13.15 -6.30
C LEU A 214 4.33 11.72 -6.64
N PHE A 215 4.67 10.89 -5.66
CA PHE A 215 5.01 9.50 -5.88
C PHE A 215 3.69 8.71 -5.83
N TRP A 216 3.20 8.43 -7.02
CA TRP A 216 1.83 7.95 -7.23
C TRP A 216 1.89 6.47 -7.37
N ASP A 217 2.00 5.82 -6.22
CA ASP A 217 2.21 4.37 -6.15
C ASP A 217 0.89 3.63 -6.22
N ASN A 218 0.46 3.37 -7.46
CA ASN A 218 -0.81 2.73 -7.72
C ASN A 218 -0.70 1.21 -7.66
N ALA A 219 -0.25 0.77 -6.50
CA ALA A 219 -0.05 -0.65 -6.22
C ALA A 219 -1.32 -1.48 -6.30
N TYR A 220 -2.47 -0.86 -6.07
CA TYR A 220 -3.74 -1.58 -5.95
C TYR A 220 -4.71 -1.18 -7.05
N ALA A 221 -4.14 -0.77 -8.17
CA ALA A 221 -4.88 -0.15 -9.26
C ALA A 221 -6.15 -0.90 -9.75
N VAL A 222 -6.05 -2.22 -9.81
CA VAL A 222 -7.12 -3.09 -10.24
C VAL A 222 -7.51 -4.13 -9.16
N HIS A 223 -7.24 -3.85 -7.90
CA HIS A 223 -7.23 -4.88 -6.89
C HIS A 223 -8.53 -4.77 -6.09
N THR A 224 -9.64 -4.90 -6.80
CA THR A 224 -10.96 -4.79 -6.20
C THR A 224 -11.38 -5.97 -5.29
N LEU A 225 -12.15 -5.65 -4.26
CA LEU A 225 -12.82 -6.68 -3.47
C LEU A 225 -14.30 -6.83 -3.81
N THR A 226 -14.75 -6.15 -4.84
CA THR A 226 -16.11 -6.26 -5.33
C THR A 226 -16.07 -6.66 -6.80
N LEU A 227 -17.25 -6.70 -7.43
CA LEU A 227 -17.31 -7.05 -8.84
C LEU A 227 -17.13 -5.85 -9.74
N ASP A 228 -16.77 -4.71 -9.17
CA ASP A 228 -16.54 -3.48 -9.90
C ASP A 228 -15.07 -3.04 -9.80
N PHE A 229 -14.56 -2.40 -10.85
CA PHE A 229 -13.20 -1.81 -10.82
C PHE A 229 -13.22 -0.31 -10.63
N PRO A 230 -12.27 0.21 -9.85
CA PRO A 230 -12.24 1.67 -9.69
C PRO A 230 -11.84 2.38 -11.00
N ARG A 231 -12.41 3.55 -11.23
CA ARG A 231 -12.07 4.44 -12.36
CA ARG A 231 -12.03 4.33 -12.39
C ARG A 231 -10.70 5.06 -12.08
N GLN A 232 -9.73 4.93 -12.99
CA GLN A 232 -8.41 5.53 -12.75
C GLN A 232 -8.44 7.02 -13.03
N VAL A 233 -8.08 7.85 -12.06
CA VAL A 233 -7.98 9.27 -12.33
C VAL A 233 -6.75 9.56 -13.20
N ASP A 234 -6.90 10.42 -14.20
CA ASP A 234 -5.82 10.72 -15.12
C ASP A 234 -4.85 11.76 -14.50
N VAL A 235 -4.00 11.30 -13.57
CA VAL A 235 -3.14 12.21 -12.82
C VAL A 235 -2.14 12.91 -13.76
N LEU A 236 -1.62 12.16 -14.76
CA LEU A 236 -0.62 12.74 -15.68
C LEU A 236 -1.24 13.77 -16.59
N GLY A 237 -2.48 13.47 -17.03
CA GLY A 237 -3.24 14.37 -17.91
C GLY A 237 -3.62 15.65 -17.17
N LEU A 238 -4.12 15.50 -15.96
CA LEU A 238 -4.51 16.65 -15.16
C LEU A 238 -3.28 17.49 -14.86
N ALA A 239 -2.17 16.82 -14.54
CA ALA A 239 -0.93 17.55 -14.26
C ALA A 239 -0.45 18.35 -15.48
N ALA A 240 -0.49 17.73 -16.67
CA ALA A 240 -0.11 18.45 -17.89
C ALA A 240 -1.02 19.66 -18.13
N LYS A 241 -2.33 19.50 -17.90
CA LYS A 241 -3.27 20.62 -18.05
C LYS A 241 -3.03 21.79 -17.09
N ALA A 242 -2.51 21.49 -15.92
CA ALA A 242 -2.15 22.48 -14.91
C ALA A 242 -0.81 23.12 -15.19
N GLY A 243 -0.08 22.64 -16.20
CA GLY A 243 1.28 23.13 -16.52
C GLY A 243 2.40 22.51 -15.67
N ASN A 244 2.11 21.39 -15.02
CA ASN A 244 3.07 20.68 -14.16
C ASN A 244 3.20 19.22 -14.65
N PRO A 245 3.50 19.02 -15.94
CA PRO A 245 3.55 17.68 -16.48
C PRO A 245 4.50 16.72 -15.79
N ASN A 246 5.62 17.24 -15.26
CA ASN A 246 6.64 16.41 -14.63
C ASN A 246 6.30 16.04 -13.17
N ARG A 247 5.22 16.58 -12.61
CA ARG A 247 4.94 16.39 -11.17
C ARG A 247 4.69 14.92 -10.75
N PRO A 248 3.87 14.15 -11.50
CA PRO A 248 3.60 12.82 -11.00
C PRO A 248 4.54 11.75 -11.54
N TYR A 249 4.94 10.86 -10.63
CA TYR A 249 5.62 9.62 -10.99
C TYR A 249 4.65 8.47 -10.68
N VAL A 250 4.24 7.71 -11.70
CA VAL A 250 3.24 6.63 -11.49
C VAL A 250 3.91 5.26 -11.45
N PHE A 251 3.53 4.43 -10.48
CA PHE A 251 4.08 3.10 -10.35
C PHE A 251 2.94 2.11 -10.28
N ALA A 252 3.23 0.91 -10.77
CA ALA A 252 2.29 -0.22 -10.66
C ALA A 252 3.08 -1.53 -10.76
N SER A 253 2.42 -2.64 -10.48
CA SER A 253 3.10 -3.92 -10.34
C SER A 253 2.16 -5.08 -10.55
N THR A 254 2.70 -6.21 -10.99
CA THR A 254 1.94 -7.45 -11.00
C THR A 254 2.23 -8.39 -9.84
N SER A 255 2.93 -7.92 -8.80
CA SER A 255 3.25 -8.81 -7.66
C SER A 255 1.98 -9.43 -7.02
N LYS A 256 0.89 -8.68 -6.95
CA LYS A 256 -0.37 -9.22 -6.39
C LYS A 256 -1.39 -9.46 -7.51
N ILE A 257 -0.88 -9.64 -8.72
CA ILE A 257 -1.67 -10.07 -9.84
C ILE A 257 -1.24 -11.46 -10.26
N THR A 258 0.07 -11.66 -10.40
CA THR A 258 0.59 -12.97 -10.80
C THR A 258 1.35 -13.61 -9.64
N PHE A 259 2.68 -13.41 -9.60
CA PHE A 259 3.54 -13.95 -8.57
C PHE A 259 4.19 -12.80 -7.81
N ALA A 260 4.14 -12.88 -6.47
CA ALA A 260 4.71 -11.87 -5.60
C ALA A 260 6.23 -12.06 -5.56
N GLY A 261 6.95 -11.15 -6.18
CA GLY A 261 8.40 -11.29 -6.37
C GLY A 261 8.82 -11.90 -7.69
N GLY A 262 7.86 -12.36 -8.49
CA GLY A 262 8.14 -12.94 -9.81
C GLY A 262 7.39 -12.26 -10.93
N GLY A 263 6.90 -11.05 -10.68
CA GLY A 263 6.10 -10.29 -11.60
C GLY A 263 6.89 -9.26 -12.37
N VAL A 264 6.17 -8.26 -12.86
CA VAL A 264 6.69 -7.17 -13.68
C VAL A 264 6.24 -5.85 -13.07
N SER A 265 7.15 -4.88 -13.03
CA SER A 265 6.85 -3.55 -12.50
C SER A 265 6.63 -2.56 -13.66
N PHE A 266 6.03 -1.40 -13.35
CA PHE A 266 5.78 -0.36 -14.34
C PHE A 266 6.05 1.01 -13.72
N PHE A 267 6.58 1.91 -14.55
CA PHE A 267 6.79 3.31 -14.19
C PHE A 267 6.18 4.13 -15.34
N GLY A 268 5.37 5.10 -14.99
CA GLY A 268 4.73 6.01 -15.94
C GLY A 268 4.99 7.46 -15.60
N GLY A 269 5.15 8.29 -16.61
CA GLY A 269 5.37 9.69 -16.38
C GLY A 269 5.32 10.46 -17.67
N SER A 270 5.62 11.75 -17.59
CA SER A 270 5.80 12.56 -18.80
C SER A 270 6.92 11.92 -19.64
N LEU A 271 6.96 12.20 -20.93
CA LEU A 271 8.07 11.76 -21.81
C LEU A 271 9.39 12.27 -21.29
N GLY A 272 9.44 13.47 -20.76
CA GLY A 272 10.66 14.01 -20.17
C GLY A 272 11.12 13.17 -18.96
N ASN A 273 10.18 12.78 -18.12
CA ASN A 273 10.52 11.94 -16.96
C ASN A 273 10.93 10.53 -17.35
N ILE A 274 10.26 9.97 -18.36
CA ILE A 274 10.68 8.65 -18.84
C ILE A 274 12.14 8.73 -19.34
N ALA A 275 12.46 9.73 -20.16
CA ALA A 275 13.81 9.86 -20.68
C ALA A 275 14.84 10.11 -19.56
N TRP A 276 14.46 10.90 -18.56
CA TRP A 276 15.33 11.19 -17.41
C TRP A 276 15.64 9.89 -16.65
N TYR A 277 14.60 9.11 -16.32
CA TYR A 277 14.79 7.86 -15.63
C TYR A 277 15.69 6.92 -16.43
N LEU A 278 15.40 6.77 -17.71
CA LEU A 278 16.15 5.84 -18.55
C LEU A 278 17.60 6.24 -18.76
N GLN A 279 17.88 7.54 -18.78
CA GLN A 279 19.25 8.02 -18.91
C GLN A 279 20.10 7.44 -17.73
N TYR A 280 19.56 7.51 -16.52
CA TYR A 280 20.32 7.02 -15.36
C TYR A 280 20.17 5.52 -15.14
N ALA A 281 19.00 4.98 -15.45
CA ALA A 281 18.80 3.53 -15.38
C ALA A 281 19.68 2.78 -16.36
N GLY A 282 20.02 3.41 -17.50
CA GLY A 282 20.91 2.81 -18.47
C GLY A 282 22.36 2.66 -18.00
N LYS A 283 22.73 3.36 -16.92
CA LYS A 283 24.06 3.23 -16.32
C LYS A 283 24.05 2.05 -15.37
N LYS A 284 22.86 1.62 -14.96
CA LYS A 284 22.66 0.58 -13.96
CA LYS A 284 22.70 0.58 -13.97
C LYS A 284 22.50 -0.79 -14.64
N SER A 285 21.82 -0.81 -15.79
CA SER A 285 21.48 -2.08 -16.43
C SER A 285 21.31 -1.87 -17.94
N ILE A 286 21.67 -2.90 -18.70
CA ILE A 286 21.44 -2.95 -20.14
C ILE A 286 19.92 -2.97 -20.41
N GLY A 287 19.15 -3.49 -19.46
CA GLY A 287 17.68 -3.43 -19.56
C GLY A 287 16.96 -4.52 -18.77
N PRO A 288 15.64 -4.46 -18.74
CA PRO A 288 14.85 -5.40 -17.95
C PRO A 288 14.72 -6.80 -18.58
N ASP A 289 14.11 -7.72 -17.85
CA ASP A 289 13.94 -9.12 -18.25
C ASP A 289 12.74 -9.26 -19.17
N LYS A 290 13.03 -9.32 -20.46
CA LYS A 290 12.01 -9.35 -21.49
C LYS A 290 11.30 -10.71 -21.56
N VAL A 291 11.98 -11.79 -21.16
CA VAL A 291 11.37 -13.11 -21.21
C VAL A 291 10.21 -13.16 -20.22
N ASN A 292 10.42 -12.58 -19.04
CA ASN A 292 9.36 -12.57 -18.03
C ASN A 292 8.22 -11.65 -18.45
N GLN A 293 8.54 -10.57 -19.16
CA GLN A 293 7.52 -9.70 -19.72
C GLN A 293 6.72 -10.44 -20.78
N LEU A 294 7.39 -11.29 -21.55
CA LEU A 294 6.69 -12.06 -22.58
C LEU A 294 5.73 -13.08 -21.98
N ARG A 295 6.18 -13.78 -20.93
CA ARG A 295 5.32 -14.75 -20.27
C ARG A 295 4.05 -14.05 -19.80
N HIS A 296 4.23 -12.85 -19.22
CA HIS A 296 3.07 -12.09 -18.73
C HIS A 296 2.18 -11.66 -19.89
N LEU A 297 2.77 -11.22 -21.00
CA LEU A 297 1.96 -10.79 -22.14
C LEU A 297 1.13 -11.98 -22.68
N ARG A 298 1.76 -13.16 -22.79
CA ARG A 298 1.10 -14.37 -23.26
C ARG A 298 -0.01 -14.84 -22.31
N PHE A 299 0.26 -14.76 -21.02
CA PHE A 299 -0.71 -15.13 -20.01
C PHE A 299 -1.94 -14.23 -19.98
N PHE A 300 -1.73 -12.92 -19.98
CA PHE A 300 -2.80 -11.99 -19.84
C PHE A 300 -3.57 -11.81 -21.13
N GLY A 301 -2.86 -11.75 -22.25
CA GLY A 301 -3.53 -11.54 -23.55
C GLY A 301 -3.92 -10.09 -23.77
N ASP A 302 -4.79 -9.56 -22.92
CA ASP A 302 -5.18 -8.14 -23.00
C ASP A 302 -5.70 -7.61 -21.66
N ALA A 303 -6.13 -6.35 -21.62
CA ALA A 303 -6.56 -5.72 -20.38
C ALA A 303 -7.77 -6.42 -19.79
N ASP A 304 -8.72 -6.82 -20.62
CA ASP A 304 -9.83 -7.61 -20.09
C ASP A 304 -9.36 -8.94 -19.45
N GLY A 305 -8.29 -9.54 -19.98
CA GLY A 305 -7.74 -10.73 -19.37
C GLY A 305 -7.22 -10.46 -17.96
N VAL A 306 -6.61 -9.29 -17.74
CA VAL A 306 -6.17 -8.92 -16.42
C VAL A 306 -7.37 -8.72 -15.50
N ARG A 307 -8.39 -8.02 -15.98
CA ARG A 307 -9.59 -7.76 -15.19
C ARG A 307 -10.24 -9.06 -14.76
N LEU A 308 -10.39 -10.00 -15.68
CA LEU A 308 -11.05 -11.26 -15.31
C LEU A 308 -10.23 -12.00 -14.27
N HIS A 309 -8.91 -11.96 -14.46
CA HIS A 309 -7.99 -12.53 -13.48
C HIS A 309 -8.17 -11.91 -12.09
N LEU A 311 -10.91 -10.58 -10.93
CA LEU A 311 -12.16 -11.07 -10.35
C LEU A 311 -11.99 -12.48 -9.76
N ARG A 312 -11.11 -13.29 -10.34
CA ARG A 312 -10.78 -14.58 -9.74
C ARG A 312 -10.05 -14.43 -8.38
N HIS A 313 -9.16 -13.45 -8.27
CA HIS A 313 -8.56 -13.11 -6.98
C HIS A 313 -9.63 -12.64 -5.99
N GLN A 314 -10.50 -11.75 -6.46
CA GLN A 314 -11.57 -11.18 -5.65
C GLN A 314 -12.43 -12.26 -5.02
N GLN A 315 -12.70 -13.32 -5.75
CA GLN A 315 -13.51 -14.41 -5.21
C GLN A 315 -12.82 -15.13 -4.05
N ILE A 316 -11.50 -15.18 -4.05
CA ILE A 316 -10.75 -15.76 -2.93
C ILE A 316 -10.66 -14.80 -1.74
N LEU A 317 -10.35 -13.54 -2.06
CA LEU A 317 -10.08 -12.55 -1.04
C LEU A 317 -11.32 -12.00 -0.34
N ALA A 318 -12.35 -11.70 -1.08
CA ALA A 318 -13.50 -10.99 -0.48
C ALA A 318 -14.08 -11.68 0.77
N PRO A 319 -14.23 -13.02 0.74
CA PRO A 319 -14.71 -13.68 1.95
C PRO A 319 -13.78 -13.53 3.15
N LYS A 320 -12.48 -13.42 2.92
CA LYS A 320 -11.54 -13.22 4.00
C LYS A 320 -11.70 -11.85 4.62
N PHE A 321 -11.85 -10.83 3.80
CA PHE A 321 -12.12 -9.50 4.33
C PHE A 321 -13.48 -9.38 5.03
N ALA A 322 -14.49 -10.01 4.48
CA ALA A 322 -15.83 -10.02 5.08
C ALA A 322 -15.78 -10.69 6.47
N LEU A 323 -15.07 -11.81 6.56
CA LEU A 323 -14.86 -12.52 7.81
C LEU A 323 -14.19 -11.67 8.90
N VAL A 324 -13.11 -11.00 8.55
CA VAL A 324 -12.43 -10.16 9.55
C VAL A 324 -13.39 -9.12 10.11
N ALA A 325 -14.11 -8.44 9.22
CA ALA A 325 -15.06 -7.41 9.64
C ALA A 325 -16.18 -7.97 10.54
N GLU A 326 -16.71 -9.14 10.18
CA GLU A 326 -17.78 -9.78 10.92
C GLU A 326 -17.30 -10.14 12.34
N VAL A 327 -16.07 -10.64 12.45
CA VAL A 327 -15.57 -11.07 13.77
C VAL A 327 -15.36 -9.85 14.65
N LEU A 328 -14.71 -8.83 14.10
CA LEU A 328 -14.52 -7.58 14.82
C LEU A 328 -15.84 -6.98 15.26
N ASP A 329 -16.81 -6.97 14.36
CA ASP A 329 -18.13 -6.40 14.68
C ASP A 329 -18.75 -7.19 15.82
N GLN A 330 -18.76 -8.49 15.70
CA GLN A 330 -19.46 -9.29 16.72
C GLN A 330 -18.81 -9.22 18.07
N ARG A 331 -17.48 -9.18 18.12
CA ARG A 331 -16.77 -9.10 19.40
C ARG A 331 -16.60 -7.70 19.97
N LEU A 332 -16.47 -6.68 19.13
CA LEU A 332 -16.06 -5.34 19.61
C LEU A 332 -17.12 -4.26 19.56
N SER A 333 -18.14 -4.43 18.73
CA SER A 333 -19.05 -3.30 18.46
C SER A 333 -19.73 -2.76 19.73
N GLU A 334 -20.22 -3.63 20.57
CA GLU A 334 -20.92 -3.17 21.78
C GLU A 334 -20.04 -2.38 22.75
N SER A 335 -18.78 -2.75 22.90
CA SER A 335 -17.87 -2.06 23.80
C SER A 335 -17.54 -0.65 23.36
N LYS A 336 -17.68 -0.39 22.06
CA LYS A 336 -17.29 0.88 21.47
C LYS A 336 -15.86 1.30 21.74
N ILE A 337 -14.93 0.36 21.89
CA ILE A 337 -13.54 0.74 22.09
C ILE A 337 -12.75 0.89 20.77
N ALA A 338 -13.33 0.45 19.66
CA ALA A 338 -12.57 0.23 18.42
C ALA A 338 -13.32 0.72 17.19
N SER A 339 -12.57 0.90 16.11
CA SER A 339 -13.17 1.10 14.83
C SER A 339 -12.21 0.52 13.80
N TRP A 340 -12.73 0.19 12.61
CA TRP A 340 -11.92 -0.47 11.59
C TRP A 340 -12.42 -0.06 10.25
N THR A 341 -11.55 -0.18 9.25
CA THR A 341 -11.96 0.09 7.89
C THR A 341 -12.72 -1.06 7.29
N GLU A 342 -13.51 -0.72 6.27
CA GLU A 342 -14.21 -1.71 5.48
C GLU A 342 -13.86 -1.43 4.02
N PRO A 343 -12.69 -1.90 3.61
CA PRO A 343 -12.14 -1.50 2.31
C PRO A 343 -12.89 -2.13 1.14
N LYS A 344 -12.93 -1.42 0.01
CA LYS A 344 -13.56 -1.93 -1.21
CA LYS A 344 -13.56 -1.94 -1.21
C LYS A 344 -12.51 -2.54 -2.15
N GLY A 345 -11.28 -2.61 -1.67
CA GLY A 345 -10.17 -3.13 -2.45
C GLY A 345 -8.90 -3.06 -1.62
N GLY A 346 -7.81 -3.53 -2.20
CA GLY A 346 -6.53 -3.50 -1.51
C GLY A 346 -6.32 -4.74 -0.66
N TYR A 347 -5.30 -4.67 0.22
CA TYR A 347 -4.81 -5.85 0.93
C TYR A 347 -4.87 -5.78 2.46
N PHE A 348 -5.47 -4.70 2.99
CA PHE A 348 -5.41 -4.46 4.42
C PHE A 348 -6.70 -3.89 4.99
N ILE A 349 -6.88 -4.18 6.28
CA ILE A 349 -7.92 -3.55 7.11
C ILE A 349 -7.13 -2.81 8.18
N SER A 350 -7.53 -1.58 8.48
CA SER A 350 -6.88 -0.77 9.49
C SER A 350 -7.77 -0.74 10.74
N LEU A 351 -7.26 -1.25 11.85
CA LEU A 351 -7.99 -1.34 13.10
C LEU A 351 -7.43 -0.34 14.11
N ASP A 352 -8.30 0.43 14.71
CA ASP A 352 -7.94 1.28 15.82
C ASP A 352 -8.59 0.68 17.07
N VAL A 353 -7.77 0.30 18.04
CA VAL A 353 -8.27 -0.17 19.34
C VAL A 353 -8.30 1.00 20.32
N LEU A 354 -8.47 0.76 21.62
CA LEU A 354 -8.54 1.88 22.55
C LEU A 354 -7.22 2.63 22.54
N PRO A 355 -7.26 3.96 22.37
CA PRO A 355 -6.00 4.68 22.32
C PRO A 355 -5.20 4.46 23.58
N GLY A 356 -3.89 4.28 23.42
CA GLY A 356 -3.03 3.89 24.51
C GLY A 356 -2.88 2.40 24.75
N THR A 357 -3.49 1.56 23.91
CA THR A 357 -3.45 0.11 24.12
C THR A 357 -2.93 -0.71 22.94
N ALA A 358 -2.51 -0.09 21.84
CA ALA A 358 -2.16 -0.91 20.67
C ALA A 358 -0.93 -1.76 20.93
N ARG A 359 0.12 -1.17 21.53
CA ARG A 359 1.33 -1.92 21.84
C ARG A 359 1.00 -3.11 22.77
N ARG A 360 0.21 -2.84 23.81
CA ARG A 360 -0.20 -3.88 24.75
C ARG A 360 -0.99 -4.99 24.07
N THR A 361 -1.93 -4.62 23.19
CA THR A 361 -2.71 -5.61 22.43
C THR A 361 -1.80 -6.54 21.62
N VAL A 362 -0.82 -5.93 20.95
CA VAL A 362 0.14 -6.72 20.14
C VAL A 362 0.96 -7.70 21.01
N ALA A 363 1.39 -7.22 22.18
CA ALA A 363 2.14 -8.03 23.11
C ALA A 363 1.30 -9.17 23.66
N LEU A 364 0.06 -8.87 24.03
CA LEU A 364 -0.86 -9.93 24.48
C LEU A 364 -1.06 -11.02 23.41
N ALA A 365 -1.27 -10.60 22.18
CA ALA A 365 -1.43 -11.54 21.08
C ALA A 365 -0.18 -12.40 20.84
N LYS A 366 0.98 -11.75 20.90
CA LYS A 366 2.22 -12.47 20.71
C LYS A 366 2.38 -13.58 21.76
N ASP A 367 1.90 -13.33 22.96
CA ASP A 367 2.05 -14.32 24.01
C ASP A 367 1.04 -15.46 23.94
N VAL A 368 0.08 -15.40 23.02
CA VAL A 368 -0.76 -16.57 22.75
C VAL A 368 -0.52 -17.10 21.34
N GLY A 369 0.57 -16.69 20.72
CA GLY A 369 1.00 -17.28 19.45
C GLY A 369 0.29 -16.69 18.22
N ILE A 370 -0.22 -15.45 18.35
CA ILE A 370 -0.83 -14.74 17.23
C ILE A 370 0.04 -13.52 16.89
N ALA A 371 0.68 -13.55 15.73
CA ALA A 371 1.50 -12.44 15.28
C ALA A 371 0.61 -11.39 14.63
N VAL A 372 0.73 -10.17 15.14
CA VAL A 372 -0.04 -9.01 14.76
C VAL A 372 0.98 -7.92 14.46
N THR A 373 0.69 -7.11 13.47
CA THR A 373 1.65 -6.09 13.03
C THR A 373 2.03 -5.14 14.16
N GLU A 374 3.33 -4.82 14.24
CA GLU A 374 3.86 -3.99 15.31
CA GLU A 374 3.88 -3.96 15.30
C GLU A 374 3.10 -2.66 15.39
N ALA A 375 2.88 -2.19 16.61
CA ALA A 375 2.25 -0.89 16.81
C ALA A 375 3.16 0.17 16.15
N GLY A 376 2.54 1.13 15.45
CA GLY A 376 3.28 2.21 14.80
C GLY A 376 3.76 1.90 13.39
N ALA A 377 3.56 0.68 12.91
CA ALA A 377 4.11 0.22 11.62
C ALA A 377 3.69 1.03 10.41
N SER A 378 2.50 1.62 10.45
CA SER A 378 1.99 2.39 9.31
C SER A 378 2.31 3.91 9.40
N PHE A 379 3.27 4.28 10.24
CA PHE A 379 3.61 5.67 10.48
C PHE A 379 5.11 5.90 10.26
N PRO A 380 5.53 7.09 9.79
CA PRO A 380 6.97 7.42 9.70
C PRO A 380 7.61 7.28 11.07
N TYR A 381 8.80 6.70 11.08
CA TYR A 381 9.59 6.49 12.30
C TYR A 381 8.87 5.53 13.25
N ARG A 382 7.86 4.82 12.73
CA ARG A 382 7.05 3.94 13.56
C ARG A 382 6.37 4.66 14.74
N LYS A 383 6.02 5.93 14.55
CA LYS A 383 5.42 6.76 15.60
CA LYS A 383 5.40 6.72 15.62
C LYS A 383 3.93 6.94 15.36
N ASP A 384 3.11 6.13 16.04
CA ASP A 384 1.70 6.35 16.09
C ASP A 384 1.43 7.18 17.34
N PRO A 385 1.12 8.48 17.17
CA PRO A 385 0.98 9.30 18.38
C PRO A 385 -0.19 8.90 19.29
N ASP A 386 -1.16 8.13 18.80
CA ASP A 386 -2.27 7.74 19.62
C ASP A 386 -2.17 6.30 20.17
N ASP A 387 -1.15 5.55 19.76
CA ASP A 387 -0.95 4.16 20.16
C ASP A 387 -2.28 3.42 20.04
N LYS A 388 -2.89 3.48 18.86
CA LYS A 388 -4.18 2.85 18.62
C LYS A 388 -4.22 1.95 17.39
N ASN A 389 -3.36 2.18 16.40
CA ASN A 389 -3.52 1.54 15.10
C ASN A 389 -2.82 0.18 14.99
N ILE A 390 -3.57 -0.79 14.48
CA ILE A 390 -3.10 -2.09 14.13
C ILE A 390 -3.49 -2.44 12.68
N ARG A 391 -2.52 -2.75 11.83
CA ARG A 391 -2.75 -3.17 10.45
CA ARG A 391 -2.86 -3.15 10.48
C ARG A 391 -3.11 -4.66 10.47
N ILE A 392 -4.15 -5.06 9.77
CA ILE A 392 -4.50 -6.47 9.64
C ILE A 392 -4.36 -6.87 8.18
N ALA A 393 -3.65 -7.96 7.93
CA ALA A 393 -3.47 -8.52 6.60
C ALA A 393 -4.27 -9.82 6.43
N PRO A 394 -5.47 -9.78 5.81
CA PRO A 394 -6.32 -10.95 5.74
C PRO A 394 -6.00 -11.94 4.64
N SER A 395 -5.11 -11.60 3.72
CA SER A 395 -5.02 -12.36 2.46
C SER A 395 -4.47 -13.78 2.57
N PHE A 396 -3.47 -13.99 3.43
CA PHE A 396 -2.68 -15.21 3.34
C PHE A 396 -3.30 -16.45 4.02
N PRO A 397 -3.75 -16.33 5.28
CA PRO A 397 -4.23 -17.55 5.98
C PRO A 397 -5.51 -18.20 5.44
N SER A 398 -5.72 -19.48 5.75
CA SER A 398 -6.96 -20.16 5.43
C SER A 398 -8.08 -19.51 6.24
N VAL A 399 -9.33 -19.69 5.80
CA VAL A 399 -10.46 -19.13 6.52
C VAL A 399 -10.51 -19.55 8.01
N PRO A 400 -10.31 -20.85 8.32
CA PRO A 400 -10.39 -21.25 9.74
C PRO A 400 -9.29 -20.61 10.58
N ASP A 401 -8.09 -20.47 10.03
CA ASP A 401 -7.01 -19.82 10.74
C ASP A 401 -7.28 -18.32 10.94
N LEU A 402 -7.86 -17.69 9.93
CA LEU A 402 -8.14 -16.29 10.00
C LEU A 402 -9.18 -16.01 11.07
N ARG A 403 -10.20 -16.86 11.12
CA ARG A 403 -11.26 -16.75 12.11
C ARG A 403 -10.69 -16.82 13.52
N ASN A 404 -9.87 -17.83 13.78
CA ASN A 404 -9.26 -17.99 15.09
C ASN A 404 -8.33 -16.84 15.44
N ALA A 405 -7.58 -16.36 14.46
CA ALA A 405 -6.60 -15.33 14.70
C ALA A 405 -7.25 -14.02 15.04
N VAL A 406 -8.27 -13.65 14.27
CA VAL A 406 -8.95 -12.36 14.51
C VAL A 406 -9.79 -12.41 15.78
N ASP A 407 -10.39 -13.57 16.04
CA ASP A 407 -11.15 -13.69 17.26
C ASP A 407 -10.19 -13.58 18.46
N GLY A 408 -8.98 -14.13 18.32
CA GLY A 408 -7.97 -13.99 19.35
C GLY A 408 -7.57 -12.55 19.51
N LEU A 409 -7.35 -11.89 18.38
CA LEU A 409 -6.97 -10.46 18.39
C LEU A 409 -8.00 -9.62 19.15
N ALA A 410 -9.28 -9.89 18.90
CA ALA A 410 -10.38 -9.21 19.59
C ALA A 410 -10.32 -9.45 21.08
N THR A 411 -10.12 -10.70 21.48
CA THR A 411 -9.94 -10.99 22.89
C THR A 411 -8.81 -10.18 23.49
N CYS A 412 -7.67 -10.10 22.78
CA CYS A 412 -6.54 -9.31 23.30
C CYS A 412 -6.84 -7.84 23.37
N ALA A 413 -7.57 -7.30 22.38
CA ALA A 413 -7.90 -5.88 22.37
C ALA A 413 -8.86 -5.52 23.52
N LEU A 414 -9.82 -6.40 23.74
CA LEU A 414 -10.74 -6.17 24.85
C LEU A 414 -10.04 -6.21 26.21
N LEU A 415 -9.18 -7.20 26.40
CA LEU A 415 -8.44 -7.35 27.66
C LEU A 415 -7.48 -6.17 27.87
N ALA A 416 -6.82 -5.75 26.79
CA ALA A 416 -5.96 -4.57 26.92
C ALA A 416 -6.77 -3.34 27.35
N ALA A 417 -7.99 -3.19 26.82
CA ALA A 417 -8.83 -2.07 27.19
C ALA A 417 -9.24 -2.12 28.69
N THR A 418 -9.80 -3.23 29.12
CA THR A 418 -10.24 -3.33 30.53
C THR A 418 -9.07 -3.28 31.50
N GLU A 419 -7.97 -3.93 31.16
CA GLU A 419 -6.76 -3.89 31.97
C GLU A 419 -6.30 -2.46 32.21
N THR A 420 -6.25 -1.69 31.13
CA THR A 420 -5.73 -0.34 31.19
C THR A 420 -6.70 0.57 31.95
N LEU A 421 -8.00 0.47 31.69
CA LEU A 421 -8.96 1.26 32.45
C LEU A 421 -8.95 0.98 33.96
N LEU A 422 -8.94 -0.31 34.32
CA LEU A 422 -8.94 -0.72 35.72
C LEU A 422 -7.61 -0.50 36.44
N ASN A 423 -6.48 -0.82 35.81
CA ASN A 423 -5.19 -0.88 36.50
C ASN A 423 -4.42 0.42 36.44
N GLN A 424 -4.61 1.18 35.37
CA GLN A 424 -3.96 2.49 35.21
C GLN A 424 -4.97 3.60 35.51
N GLY A 425 -6.14 3.54 34.86
CA GLY A 425 -7.23 4.48 35.13
C GLY A 425 -7.70 4.48 36.57
N LEU A 426 -8.20 3.34 37.04
CA LEU A 426 -8.63 3.20 38.44
C LEU A 426 -7.53 2.68 39.41
N ALA A 427 -6.25 2.85 39.09
CA ALA A 427 -5.16 2.67 40.07
C ALA A 427 -5.49 3.36 41.38
#